data_4D4I
#
_entry.id   4D4I
#
_cell.length_a   68.425
_cell.length_b   82.686
_cell.length_c   90.153
_cell.angle_alpha   90.00
_cell.angle_beta   90.00
_cell.angle_gamma   90.00
#
_symmetry.space_group_name_H-M   'P 21 21 21'
#
loop_
_entity.id
_entity.type
_entity.pdbx_description
1 polymer APNAA1
2 non-polymer ARGININE
3 non-polymer 'PHOSPHOAMINOPHOSPHONIC ACID-ADENYLATE ESTER'
4 non-polymer GLYCEROL
5 non-polymer 'MAGNESIUM ION'
6 water water
#
_entity_poly.entity_id   1
_entity_poly.type   'polypeptide(L)'
_entity_poly.pdbx_seq_one_letter_code
;MKHHHHHHPMSDYDIPTTENLYFQGAMFKQSIHQLFETQVERTPEAVAVLSEQGQLTYEELNTKANQLAHYLRTLGVKSE
TLVGVCVDRSLEMVIGLLAILKAGGAYVPLDPTYPRERLTYMVQDAQISVLVTQTQWSNLISDYQGQVICLDSQWAKIAS
YSQENLVNTVNPENLAYVIYTSGSTGKPKGVMIEHQSLVNFTKLAIAQYQITTSDRTLQFVSISFDVAAEEIYVTLCSGA
TLILRTEEMISSIPSFVQKSQDWQITVWSLPTAYWHLLVNELVKSKIALPDSLRLVIIGGERVQPELVRMWFKNVGNFPE
LINVYGPTEGTIAVSLCRLSQLTESQRNRTEIPIGKSLGENISVYVLDETLKTVPPETPGEIYIGGTALARGYLNRPELT
AQKFIQDPFSPSERLYKTGDLGRYLADGNLEYLGRVDHQVKINGFRVELGEIETVLLQHHQVAQAVVIDREDPLGNKRLV
AYLVPHSTEENLTVTLQQFLKNKLPSYMIPATFVVLNELPLSPNGKIDRKALPIPDYDGNERQTPFIAPRNHQEEKLANI
WHQVFGLEKIGVN
;
_entity_poly.pdbx_strand_id   A
#
# COMPACT_ATOMS: atom_id res chain seq x y z
N PHE A 28 24.27 -8.97 -9.38
CA PHE A 28 23.30 -9.71 -8.52
C PHE A 28 21.83 -9.35 -8.87
N LYS A 29 21.44 -9.63 -10.12
CA LYS A 29 20.11 -9.28 -10.64
C LYS A 29 19.02 -10.18 -10.10
N GLN A 30 17.93 -9.60 -9.59
CA GLN A 30 16.88 -10.38 -8.91
C GLN A 30 15.47 -9.77 -8.98
N SER A 31 14.47 -10.61 -9.22
CA SER A 31 13.06 -10.21 -9.21
C SER A 31 12.48 -10.57 -7.89
N ILE A 32 11.29 -10.06 -7.56
CA ILE A 32 10.71 -10.33 -6.26
C ILE A 32 10.31 -11.79 -6.11
N HIS A 33 9.79 -12.37 -7.20
CA HIS A 33 9.38 -13.77 -7.15
C HIS A 33 10.63 -14.71 -7.06
N GLN A 34 11.74 -14.30 -7.64
CA GLN A 34 13.00 -15.06 -7.47
C GLN A 34 13.42 -15.06 -6.02
N LEU A 35 13.26 -13.93 -5.34
CA LEU A 35 13.59 -13.85 -3.92
C LEU A 35 12.73 -14.86 -3.18
N PHE A 36 11.45 -14.87 -3.54
CA PHE A 36 10.52 -15.81 -2.97
C PHE A 36 10.95 -17.25 -3.28
N GLU A 37 11.32 -17.49 -4.52
CA GLU A 37 11.71 -18.83 -4.95
C GLU A 37 12.93 -19.33 -4.14
N THR A 38 13.89 -18.44 -3.87
CA THR A 38 15.06 -18.83 -3.05
C THR A 38 14.58 -19.31 -1.70
N GLN A 39 13.61 -18.61 -1.11
CA GLN A 39 13.09 -19.02 0.15
C GLN A 39 12.38 -20.35 0.12
N VAL A 40 11.56 -20.57 -0.90
CA VAL A 40 10.85 -21.83 -1.03
C VAL A 40 11.84 -23.01 -0.98
N GLU A 41 12.94 -22.88 -1.71
CA GLU A 41 13.95 -23.93 -1.79
C GLU A 41 14.58 -24.16 -0.42
N ARG A 42 14.78 -23.08 0.35
CA ARG A 42 15.37 -23.20 1.67
C ARG A 42 14.43 -23.93 2.58
N THR A 43 13.16 -23.53 2.60
CA THR A 43 12.19 -24.06 3.56
C THR A 43 10.84 -24.42 2.93
N PRO A 44 10.82 -25.48 2.07
CA PRO A 44 9.60 -25.82 1.32
C PRO A 44 8.42 -26.22 2.18
N GLU A 45 8.69 -26.79 3.34
CA GLU A 45 7.61 -27.34 4.16
C GLU A 45 7.09 -26.36 5.21
N ALA A 46 7.74 -25.23 5.40
CA ALA A 46 7.18 -24.20 6.29
C ALA A 46 5.83 -23.73 5.76
N VAL A 47 4.97 -23.28 6.66
CA VAL A 47 3.69 -22.70 6.30
C VAL A 47 3.95 -21.27 5.80
N ALA A 48 3.52 -20.97 4.57
CA ALA A 48 3.74 -19.66 3.93
C ALA A 48 2.59 -18.73 4.21
N VAL A 49 1.36 -19.23 4.07
CA VAL A 49 0.19 -18.43 4.22
C VAL A 49 -0.86 -19.19 5.00
N LEU A 50 -1.52 -18.48 5.92
CA LEU A 50 -2.63 -19.04 6.64
CA LEU A 50 -2.62 -19.00 6.72
C LEU A 50 -3.82 -18.08 6.63
N SER A 51 -4.99 -18.67 6.44
CA SER A 51 -6.22 -17.92 6.54
C SER A 51 -7.14 -18.69 7.47
N GLU A 52 -8.22 -18.06 7.88
CA GLU A 52 -9.27 -18.72 8.64
C GLU A 52 -9.84 -19.96 7.91
N GLN A 53 -9.62 -20.03 6.59
CA GLN A 53 -10.17 -21.08 5.74
C GLN A 53 -9.19 -22.22 5.42
N GLY A 54 -7.88 -21.95 5.45
CA GLY A 54 -6.89 -22.96 5.10
C GLY A 54 -5.45 -22.47 5.16
N GLN A 55 -4.54 -23.18 4.53
CA GLN A 55 -3.14 -22.80 4.62
C GLN A 55 -2.41 -23.34 3.44
N LEU A 56 -1.23 -22.78 3.15
CA LEU A 56 -0.36 -23.31 2.11
C LEU A 56 1.06 -23.29 2.64
N THR A 57 1.80 -24.37 2.40
CA THR A 57 3.23 -24.37 2.66
C THR A 57 3.92 -23.54 1.58
N TYR A 58 5.20 -23.24 1.80
CA TYR A 58 6.00 -22.57 0.80
C TYR A 58 5.94 -23.32 -0.54
N GLU A 59 6.16 -24.64 -0.48
CA GLU A 59 6.18 -25.50 -1.68
C GLU A 59 4.84 -25.39 -2.45
N GLU A 60 3.74 -25.61 -1.73
CA GLU A 60 2.40 -25.54 -2.27
C GLU A 60 2.01 -24.19 -2.86
N LEU A 61 2.44 -23.10 -2.22
CA LEU A 61 2.16 -21.75 -2.72
C LEU A 61 2.94 -21.59 -4.02
N ASN A 62 4.18 -22.03 -4.01
CA ASN A 62 5.05 -21.91 -5.15
C ASN A 62 4.54 -22.73 -6.33
N THR A 63 4.14 -23.96 -6.07
CA THR A 63 3.72 -24.84 -7.18
C THR A 63 2.41 -24.32 -7.72
N LYS A 64 1.48 -23.92 -6.87
CA LYS A 64 0.20 -23.40 -7.38
C LYS A 64 0.40 -22.09 -8.13
N ALA A 65 1.29 -21.21 -7.64
CA ALA A 65 1.55 -19.96 -8.41
C ALA A 65 2.25 -20.29 -9.74
N ASN A 66 3.09 -21.32 -9.74
CA ASN A 66 3.69 -21.72 -10.99
C ASN A 66 2.64 -22.24 -11.99
N GLN A 67 1.66 -22.96 -11.52
CA GLN A 67 0.63 -23.53 -12.42
C GLN A 67 -0.17 -22.42 -13.06
N LEU A 68 -0.67 -21.51 -12.24
CA LEU A 68 -1.34 -20.30 -12.77
C LEU A 68 -0.42 -19.48 -13.67
N ALA A 69 0.82 -19.26 -13.26
CA ALA A 69 1.76 -18.51 -14.13
C ALA A 69 1.91 -19.13 -15.53
N HIS A 70 2.03 -20.44 -15.55
CA HIS A 70 2.22 -21.15 -16.82
C HIS A 70 0.96 -20.93 -17.70
N TYR A 71 -0.20 -21.09 -17.11
CA TYR A 71 -1.45 -20.76 -17.79
C TYR A 71 -1.43 -19.32 -18.30
N LEU A 72 -1.11 -18.35 -17.42
CA LEU A 72 -1.03 -16.95 -17.85
C LEU A 72 -0.11 -16.74 -19.04
N ARG A 73 1.04 -17.39 -19.04
CA ARG A 73 1.95 -17.30 -20.18
C ARG A 73 1.20 -17.72 -21.48
N THR A 74 0.39 -18.78 -21.39
CA THR A 74 -0.36 -19.24 -22.58
C THR A 74 -1.46 -18.24 -22.96
N LEU A 75 -1.82 -17.33 -22.05
CA LEU A 75 -2.74 -16.24 -22.38
C LEU A 75 -2.04 -15.00 -22.89
N GLY A 76 -0.74 -15.05 -23.12
CA GLY A 76 -0.03 -13.89 -23.66
C GLY A 76 0.60 -13.04 -22.56
N VAL A 77 0.51 -13.46 -21.31
CA VAL A 77 1.17 -12.64 -20.26
C VAL A 77 2.68 -12.79 -20.36
N LYS A 78 3.34 -11.65 -20.49
CA LYS A 78 4.78 -11.61 -20.48
C LYS A 78 5.29 -10.31 -19.87
N SER A 79 6.60 -10.10 -19.89
CA SER A 79 7.19 -8.88 -19.31
C SER A 79 6.49 -7.63 -19.79
N GLU A 80 6.08 -6.79 -18.83
CA GLU A 80 5.41 -5.48 -19.04
C GLU A 80 3.92 -5.61 -19.37
N THR A 81 3.38 -6.82 -19.43
CA THR A 81 1.95 -7.03 -19.57
C THR A 81 1.29 -6.74 -18.24
N LEU A 82 0.29 -5.86 -18.25
CA LEU A 82 -0.45 -5.53 -17.03
C LEU A 82 -1.60 -6.47 -16.84
N VAL A 83 -1.71 -7.06 -15.65
CA VAL A 83 -2.75 -8.01 -15.36
C VAL A 83 -3.55 -7.50 -14.19
N GLY A 84 -4.86 -7.35 -14.39
CA GLY A 84 -5.72 -6.90 -13.36
C GLY A 84 -5.93 -8.04 -12.37
N VAL A 85 -6.04 -7.67 -11.10
CA VAL A 85 -6.28 -8.62 -10.05
CA VAL A 85 -6.30 -8.64 -10.03
C VAL A 85 -7.41 -8.10 -9.20
N CYS A 86 -8.49 -8.84 -9.20
CA CYS A 86 -9.72 -8.42 -8.55
C CYS A 86 -10.14 -9.62 -7.80
N VAL A 87 -9.64 -9.69 -6.60
CA VAL A 87 -9.78 -10.88 -5.79
C VAL A 87 -10.05 -10.36 -4.38
N ASP A 88 -10.57 -11.22 -3.51
CA ASP A 88 -10.67 -10.84 -2.10
C ASP A 88 -9.46 -11.42 -1.39
N ARG A 89 -9.28 -11.02 -0.14
CA ARG A 89 -8.09 -11.41 0.61
C ARG A 89 -8.23 -12.88 0.98
N SER A 90 -7.34 -13.70 0.47
CA SER A 90 -7.51 -15.14 0.50
C SER A 90 -6.21 -15.72 0.05
N LEU A 91 -6.06 -17.03 0.24
CA LEU A 91 -4.97 -17.81 -0.32
C LEU A 91 -4.87 -17.58 -1.81
N GLU A 92 -6.01 -17.56 -2.48
CA GLU A 92 -6.09 -17.25 -3.89
C GLU A 92 -5.45 -15.94 -4.28
N MET A 93 -5.66 -14.91 -3.46
CA MET A 93 -5.07 -13.61 -3.75
C MET A 93 -3.54 -13.76 -3.85
N VAL A 94 -2.96 -14.49 -2.92
CA VAL A 94 -1.51 -14.60 -2.85
C VAL A 94 -0.98 -15.42 -4.01
N ILE A 95 -1.64 -16.54 -4.30
CA ILE A 95 -1.33 -17.35 -5.48
C ILE A 95 -1.36 -16.44 -6.69
N GLY A 96 -2.38 -15.60 -6.79
CA GLY A 96 -2.57 -14.79 -7.98
C GLY A 96 -1.48 -13.76 -8.21
N LEU A 97 -1.11 -13.06 -7.15
CA LEU A 97 -0.05 -12.09 -7.23
C LEU A 97 1.26 -12.73 -7.65
N LEU A 98 1.63 -13.79 -6.96
CA LEU A 98 2.88 -14.47 -7.27
C LEU A 98 2.89 -15.07 -8.68
N ALA A 99 1.74 -15.53 -9.16
CA ALA A 99 1.65 -16.09 -10.51
C ALA A 99 1.82 -15.05 -11.57
N ILE A 100 1.19 -13.89 -11.40
CA ILE A 100 1.37 -12.81 -12.34
C ILE A 100 2.82 -12.43 -12.41
N LEU A 101 3.44 -12.24 -11.23
CA LEU A 101 4.84 -11.93 -11.19
C LEU A 101 5.68 -13.00 -11.94
N LYS A 102 5.44 -14.28 -11.62
CA LYS A 102 6.29 -15.32 -12.19
C LYS A 102 6.13 -15.37 -13.70
N ALA A 103 4.92 -15.05 -14.18
CA ALA A 103 4.64 -15.05 -15.64
C ALA A 103 5.34 -13.91 -16.33
N GLY A 104 5.88 -12.97 -15.53
CA GLY A 104 6.56 -11.80 -16.04
C GLY A 104 5.70 -10.56 -16.16
N GLY A 105 4.43 -10.68 -15.83
CA GLY A 105 3.50 -9.55 -15.82
C GLY A 105 3.62 -8.70 -14.55
N ALA A 106 2.89 -7.60 -14.54
CA ALA A 106 2.81 -6.68 -13.44
C ALA A 106 1.34 -6.59 -13.09
N TYR A 107 1.01 -6.74 -11.80
CA TYR A 107 -0.39 -6.75 -11.44
C TYR A 107 -0.94 -5.35 -11.18
N VAL A 108 -2.24 -5.18 -11.40
CA VAL A 108 -2.90 -3.93 -11.15
C VAL A 108 -4.06 -4.26 -10.23
N PRO A 109 -3.96 -3.86 -8.95
CA PRO A 109 -5.00 -4.21 -8.01
C PRO A 109 -6.29 -3.50 -8.38
N LEU A 110 -7.38 -4.25 -8.32
CA LEU A 110 -8.69 -3.72 -8.69
C LEU A 110 -9.63 -4.04 -7.52
N ASP A 111 -9.82 -3.03 -6.69
CA ASP A 111 -10.46 -3.24 -5.41
C ASP A 111 -11.96 -3.49 -5.62
N PRO A 112 -12.43 -4.70 -5.26
CA PRO A 112 -13.85 -5.08 -5.52
C PRO A 112 -14.87 -4.22 -4.78
N THR A 113 -14.40 -3.38 -3.87
CA THR A 113 -15.29 -2.51 -3.14
C THR A 113 -15.41 -1.23 -3.87
N TYR A 114 -14.58 -0.99 -4.89
CA TYR A 114 -14.75 0.23 -5.67
C TYR A 114 -15.95 0.13 -6.62
N PRO A 115 -16.50 1.29 -7.01
CA PRO A 115 -17.65 1.24 -7.92
C PRO A 115 -17.25 0.84 -9.36
N ARG A 116 -18.18 0.23 -10.10
CA ARG A 116 -17.91 -0.27 -11.45
C ARG A 116 -17.20 0.72 -12.37
N GLU A 117 -17.70 1.94 -12.38
CA GLU A 117 -17.14 2.99 -13.18
C GLU A 117 -15.66 3.26 -12.86
N ARG A 118 -15.25 3.22 -11.61
CA ARG A 118 -13.82 3.43 -11.30
C ARG A 118 -12.96 2.27 -11.75
N LEU A 119 -13.42 1.07 -11.48
CA LEU A 119 -12.71 -0.10 -11.91
C LEU A 119 -12.59 -0.18 -13.43
N THR A 120 -13.67 0.17 -14.12
CA THR A 120 -13.69 0.13 -15.57
C THR A 120 -12.72 1.16 -16.10
N TYR A 121 -12.68 2.31 -15.44
CA TYR A 121 -11.75 3.35 -15.86
C TYR A 121 -10.30 2.82 -15.80
N MET A 122 -9.98 2.20 -14.67
CA MET A 122 -8.63 1.67 -14.46
C MET A 122 -8.28 0.64 -15.48
N VAL A 123 -9.22 -0.26 -15.77
CA VAL A 123 -9.00 -1.29 -16.76
C VAL A 123 -8.70 -0.71 -18.17
N GLN A 124 -9.42 0.32 -18.54
CA GLN A 124 -9.26 1.01 -19.83
C GLN A 124 -7.95 1.80 -19.86
N ASP A 125 -7.74 2.61 -18.83
CA ASP A 125 -6.50 3.36 -18.67
C ASP A 125 -5.27 2.48 -18.71
N ALA A 126 -5.31 1.37 -18.00
CA ALA A 126 -4.20 0.45 -17.99
C ALA A 126 -4.17 -0.52 -19.16
N GLN A 127 -5.19 -0.51 -20.02
CA GLN A 127 -5.21 -1.42 -21.17
C GLN A 127 -5.08 -2.86 -20.74
N ILE A 128 -5.75 -3.22 -19.65
CA ILE A 128 -5.69 -4.56 -19.13
C ILE A 128 -6.52 -5.52 -20.00
N SER A 129 -5.87 -6.56 -20.53
CA SER A 129 -6.55 -7.62 -21.31
C SER A 129 -6.53 -9.01 -20.66
N VAL A 130 -5.90 -9.11 -19.49
CA VAL A 130 -6.04 -10.30 -18.68
C VAL A 130 -6.46 -9.86 -17.30
N LEU A 131 -7.49 -10.52 -16.77
CA LEU A 131 -8.03 -10.23 -15.43
C LEU A 131 -8.04 -11.51 -14.61
N VAL A 132 -7.30 -11.49 -13.51
CA VAL A 132 -7.33 -12.59 -12.57
C VAL A 132 -8.35 -12.22 -11.50
N THR A 133 -9.36 -13.06 -11.31
CA THR A 133 -10.46 -12.69 -10.43
C THR A 133 -11.09 -13.95 -9.85
N GLN A 134 -12.29 -13.83 -9.31
CA GLN A 134 -13.08 -14.95 -8.82
C GLN A 134 -14.53 -14.82 -9.35
N THR A 135 -15.29 -15.92 -9.36
CA THR A 135 -16.66 -15.87 -9.92
C THR A 135 -17.54 -14.85 -9.24
N GLN A 136 -17.46 -14.77 -7.91
CA GLN A 136 -18.21 -13.75 -7.17
C GLN A 136 -17.97 -12.29 -7.57
N TRP A 137 -16.89 -12.01 -8.29
CA TRP A 137 -16.64 -10.64 -8.80
C TRP A 137 -16.93 -10.45 -10.29
N SER A 138 -17.46 -11.46 -10.97
CA SER A 138 -17.41 -11.50 -12.45
C SER A 138 -18.22 -10.41 -13.14
N ASN A 139 -19.20 -9.83 -12.46
CA ASN A 139 -19.94 -8.76 -13.09
C ASN A 139 -19.45 -7.38 -12.71
N LEU A 140 -18.17 -7.25 -12.39
CA LEU A 140 -17.69 -5.97 -11.89
C LEU A 140 -17.00 -5.04 -12.90
N ILE A 141 -16.62 -5.50 -14.07
CA ILE A 141 -16.16 -4.57 -15.12
C ILE A 141 -17.29 -4.31 -16.15
N SER A 142 -17.51 -3.02 -16.50
CA SER A 142 -18.44 -2.58 -17.58
C SER A 142 -17.83 -3.16 -18.82
N ASP A 143 -18.52 -4.15 -19.35
N ASP A 143 -18.55 -4.12 -19.38
CA ASP A 143 -17.84 -5.40 -19.55
CA ASP A 143 -17.96 -5.41 -19.69
C ASP A 143 -16.82 -5.49 -20.68
C ASP A 143 -16.80 -5.47 -20.69
N TYR A 144 -16.02 -6.50 -20.46
CA TYR A 144 -14.65 -6.42 -20.66
C TYR A 144 -14.43 -7.40 -21.74
N GLN A 145 -13.55 -7.06 -22.66
CA GLN A 145 -13.38 -7.91 -23.80
C GLN A 145 -12.17 -8.84 -23.66
N GLY A 146 -11.38 -8.69 -22.59
CA GLY A 146 -10.15 -9.48 -22.44
C GLY A 146 -10.37 -10.86 -21.87
N GLN A 147 -9.27 -11.57 -21.60
CA GLN A 147 -9.31 -12.90 -20.99
CA GLN A 147 -9.34 -12.90 -20.99
C GLN A 147 -9.57 -12.77 -19.48
N VAL A 148 -10.44 -13.62 -18.95
CA VAL A 148 -10.74 -13.65 -17.55
C VAL A 148 -10.34 -15.02 -17.00
N ILE A 149 -9.71 -15.04 -15.85
CA ILE A 149 -9.47 -16.29 -15.14
C ILE A 149 -10.11 -16.14 -13.80
N CYS A 150 -11.04 -17.03 -13.48
CA CYS A 150 -11.64 -17.10 -12.16
C CYS A 150 -10.95 -18.20 -11.38
N LEU A 151 -10.24 -17.83 -10.31
CA LEU A 151 -9.38 -18.80 -9.63
C LEU A 151 -10.17 -19.82 -8.86
N ASP A 152 -11.42 -19.49 -8.51
CA ASP A 152 -12.23 -20.40 -7.69
C ASP A 152 -12.89 -21.52 -8.51
N SER A 153 -13.23 -21.23 -9.76
CA SER A 153 -13.99 -22.13 -10.61
C SER A 153 -13.15 -22.84 -11.64
N GLN A 154 -11.96 -22.32 -11.95
CA GLN A 154 -11.15 -22.93 -12.97
C GLN A 154 -9.91 -23.58 -12.46
N TRP A 155 -9.93 -23.97 -11.19
CA TRP A 155 -8.70 -24.49 -10.64
C TRP A 155 -8.38 -25.86 -11.24
N ALA A 156 -9.40 -26.66 -11.59
CA ALA A 156 -9.14 -27.96 -12.23
C ALA A 156 -8.34 -27.76 -13.49
N LYS A 157 -8.69 -26.77 -14.30
CA LYS A 157 -7.87 -26.50 -15.50
C LYS A 157 -6.43 -26.07 -15.12
N ILE A 158 -6.32 -25.09 -14.24
CA ILE A 158 -5.03 -24.51 -13.85
C ILE A 158 -4.13 -25.61 -13.26
N ALA A 159 -4.71 -26.54 -12.50
CA ALA A 159 -3.96 -27.66 -11.92
C ALA A 159 -3.31 -28.57 -12.97
N SER A 160 -3.67 -28.39 -14.24
CA SER A 160 -3.08 -29.19 -15.30
C SER A 160 -1.78 -28.57 -15.84
N TYR A 161 -1.41 -27.39 -15.38
CA TYR A 161 -0.23 -26.72 -15.92
C TYR A 161 0.97 -27.10 -15.05
N SER A 162 2.15 -26.81 -15.55
CA SER A 162 3.42 -27.19 -14.90
C SER A 162 3.60 -26.51 -13.54
N GLN A 163 4.21 -27.25 -12.63
CA GLN A 163 4.46 -26.78 -11.27
C GLN A 163 5.88 -26.26 -11.11
N GLU A 164 6.63 -26.27 -12.20
CA GLU A 164 8.01 -25.87 -12.19
C GLU A 164 8.15 -24.35 -12.30
N ASN A 165 9.23 -23.84 -11.71
CA ASN A 165 9.50 -22.42 -11.76
C ASN A 165 9.70 -22.07 -13.20
N LEU A 166 9.25 -20.89 -13.59
CA LEU A 166 9.49 -20.41 -14.94
C LEU A 166 10.89 -19.78 -14.93
N VAL A 167 11.55 -19.76 -16.07
CA VAL A 167 12.87 -19.18 -16.16
C VAL A 167 12.84 -17.91 -16.98
N ASN A 168 13.55 -16.88 -16.49
CA ASN A 168 13.96 -15.71 -17.29
C ASN A 168 12.85 -14.77 -17.76
N THR A 169 11.70 -14.77 -17.09
CA THR A 169 10.56 -14.01 -17.63
C THR A 169 10.67 -12.49 -17.47
N VAL A 170 11.49 -11.97 -16.53
CA VAL A 170 11.72 -10.51 -16.35
C VAL A 170 13.11 -10.08 -15.98
N ASN A 171 13.39 -8.84 -16.30
CA ASN A 171 14.56 -8.19 -15.80
C ASN A 171 14.14 -7.34 -14.61
N PRO A 172 15.13 -6.86 -13.84
CA PRO A 172 14.76 -6.08 -12.65
C PRO A 172 14.14 -4.75 -12.98
N GLU A 173 14.42 -4.22 -14.16
CA GLU A 173 13.82 -2.95 -14.56
CA GLU A 173 13.83 -2.96 -14.62
C GLU A 173 12.37 -3.15 -15.03
N ASN A 174 11.94 -4.39 -15.19
CA ASN A 174 10.54 -4.64 -15.59
C ASN A 174 9.59 -4.38 -14.44
N LEU A 175 8.37 -4.01 -14.81
CA LEU A 175 7.35 -3.71 -13.83
C LEU A 175 6.92 -4.92 -12.99
N ALA A 176 6.69 -4.68 -11.70
CA ALA A 176 6.13 -5.67 -10.81
C ALA A 176 4.70 -5.34 -10.56
N TYR A 177 4.36 -4.08 -10.36
CA TYR A 177 2.95 -3.73 -10.18
C TYR A 177 2.70 -2.29 -10.58
N VAL A 178 1.43 -2.00 -10.89
CA VAL A 178 0.98 -0.66 -11.15
C VAL A 178 -0.18 -0.45 -10.22
N ILE A 179 -0.05 0.52 -9.33
CA ILE A 179 -1.02 0.69 -8.28
C ILE A 179 -1.59 2.09 -8.35
N TYR A 180 -2.92 2.18 -8.39
CA TYR A 180 -3.55 3.47 -8.58
C TYR A 180 -3.67 4.26 -7.28
N THR A 181 -3.49 5.56 -7.39
CA THR A 181 -3.67 6.45 -6.28
C THR A 181 -4.52 7.65 -6.74
N SER A 182 -5.06 8.41 -5.79
CA SER A 182 -6.00 9.48 -6.10
C SER A 182 -5.34 10.52 -7.00
N GLY A 183 -6.09 11.07 -7.95
CA GLY A 183 -5.57 12.11 -8.84
C GLY A 183 -6.34 13.41 -8.67
N SER A 184 -5.65 14.53 -8.57
CA SER A 184 -6.35 15.80 -8.32
C SER A 184 -7.01 16.38 -9.59
N THR A 185 -6.53 16.02 -10.78
CA THR A 185 -7.16 16.46 -12.02
C THR A 185 -8.49 15.75 -12.29
N GLY A 186 -8.89 14.82 -11.41
CA GLY A 186 -10.20 14.17 -11.45
C GLY A 186 -10.30 12.66 -11.66
N LYS A 187 -9.18 12.00 -11.96
CA LYS A 187 -9.13 10.54 -12.08
C LYS A 187 -7.87 10.01 -11.39
N PRO A 188 -7.95 8.80 -10.82
CA PRO A 188 -6.75 8.22 -10.25
C PRO A 188 -5.69 7.95 -11.33
N LYS A 189 -4.44 7.73 -10.92
CA LYS A 189 -3.39 7.34 -11.85
C LYS A 189 -2.52 6.26 -11.22
N GLY A 190 -1.92 5.44 -12.07
CA GLY A 190 -1.18 4.30 -11.67
C GLY A 190 0.28 4.66 -11.47
N VAL A 191 0.80 4.20 -10.34
CA VAL A 191 2.22 4.33 -10.01
C VAL A 191 2.88 3.04 -10.40
N MET A 192 3.85 3.14 -11.31
CA MET A 192 4.51 1.99 -11.90
C MET A 192 5.77 1.65 -11.06
N ILE A 193 5.75 0.46 -10.48
CA ILE A 193 6.81 -0.01 -9.59
C ILE A 193 7.54 -1.14 -10.29
N GLU A 194 8.83 -0.93 -10.47
CA GLU A 194 9.71 -1.98 -11.01
C GLU A 194 10.15 -2.97 -9.92
N HIS A 195 10.45 -4.17 -10.36
CA HIS A 195 10.97 -5.21 -9.51
C HIS A 195 12.17 -4.72 -8.71
N GLN A 196 13.09 -4.00 -9.36
CA GLN A 196 14.32 -3.66 -8.67
C GLN A 196 14.08 -2.81 -7.42
N SER A 197 13.16 -1.86 -7.48
CA SER A 197 12.85 -1.03 -6.30
C SER A 197 12.12 -1.81 -5.20
N LEU A 198 11.24 -2.72 -5.61
CA LEU A 198 10.49 -3.55 -4.67
C LEU A 198 11.36 -4.55 -3.96
N VAL A 199 12.28 -5.13 -4.71
CA VAL A 199 13.22 -6.11 -4.19
C VAL A 199 14.16 -5.39 -3.20
N ASN A 200 14.54 -4.18 -3.55
CA ASN A 200 15.43 -3.37 -2.68
C ASN A 200 14.72 -3.07 -1.37
N PHE A 201 13.51 -2.58 -1.49
CA PHE A 201 12.68 -2.37 -0.33
C PHE A 201 12.57 -3.60 0.54
N THR A 202 12.23 -4.71 -0.08
CA THR A 202 11.92 -5.91 0.67
C THR A 202 13.16 -6.41 1.43
N LYS A 203 14.30 -6.44 0.75
CA LYS A 203 15.51 -6.87 1.38
C LYS A 203 15.89 -5.94 2.54
N LEU A 204 15.80 -4.63 2.34
CA LEU A 204 16.08 -3.66 3.44
C LEU A 204 15.14 -3.80 4.64
N ALA A 205 13.84 -3.96 4.37
CA ALA A 205 12.88 -4.08 5.44
C ALA A 205 13.09 -5.39 6.22
N ILE A 206 13.37 -6.47 5.50
CA ILE A 206 13.63 -7.73 6.17
C ILE A 206 14.76 -7.58 7.21
N ALA A 207 15.84 -6.92 6.83
CA ALA A 207 16.99 -6.71 7.73
C ALA A 207 16.67 -5.67 8.81
N GLN A 208 15.94 -4.61 8.46
CA GLN A 208 15.54 -3.58 9.44
C GLN A 208 14.63 -4.18 10.52
N TYR A 209 13.68 -5.02 10.12
CA TYR A 209 12.71 -5.58 11.06
C TYR A 209 13.21 -6.86 11.68
N GLN A 210 14.30 -7.39 11.19
CA GLN A 210 14.79 -8.68 11.64
C GLN A 210 13.74 -9.78 11.51
N ILE A 211 13.05 -9.83 10.38
CA ILE A 211 12.08 -10.89 10.15
C ILE A 211 12.83 -12.22 9.99
N THR A 212 12.38 -13.25 10.72
CA THR A 212 12.92 -14.60 10.63
C THR A 212 11.81 -15.61 10.34
N THR A 213 12.20 -16.85 10.10
CA THR A 213 11.26 -17.95 9.86
C THR A 213 10.27 -18.18 11.01
N SER A 214 10.58 -17.70 12.22
CA SER A 214 9.63 -17.80 13.33
C SER A 214 8.54 -16.75 13.31
N ASP A 215 8.69 -15.70 12.51
CA ASP A 215 7.65 -14.65 12.56
C ASP A 215 6.34 -15.05 11.92
N ARG A 216 5.28 -14.39 12.40
CA ARG A 216 3.91 -14.54 11.92
C ARG A 216 3.31 -13.15 11.74
N THR A 217 3.13 -12.77 10.48
CA THR A 217 2.82 -11.39 10.18
C THR A 217 1.38 -11.36 9.76
N LEU A 218 0.64 -10.37 10.30
CA LEU A 218 -0.75 -10.18 9.97
C LEU A 218 -0.87 -9.35 8.71
N GLN A 219 -1.49 -9.93 7.69
CA GLN A 219 -1.74 -9.23 6.44
C GLN A 219 -3.03 -8.44 6.62
N PHE A 220 -2.91 -7.11 6.64
CA PHE A 220 -3.97 -6.24 7.16
C PHE A 220 -4.60 -5.39 6.08
N VAL A 221 -3.79 -4.64 5.35
CA VAL A 221 -4.32 -3.68 4.42
C VAL A 221 -4.66 -4.32 3.04
N SER A 222 -5.65 -3.75 2.39
CA SER A 222 -6.05 -4.11 1.06
C SER A 222 -4.87 -3.99 0.08
N ILE A 223 -4.75 -4.86 -0.90
CA ILE A 223 -3.71 -4.69 -1.94
C ILE A 223 -3.86 -3.47 -2.83
N SER A 224 -4.96 -2.73 -2.67
CA SER A 224 -5.03 -1.41 -3.27
C SER A 224 -4.05 -0.40 -2.66
N PHE A 225 -3.40 -0.78 -1.56
CA PHE A 225 -2.39 0.08 -0.93
C PHE A 225 -1.08 -0.68 -0.78
N ASP A 226 -0.01 0.03 -1.06
CA ASP A 226 1.23 -0.65 -1.32
C ASP A 226 1.83 -1.22 -0.05
N VAL A 227 1.27 -0.85 1.11
CA VAL A 227 1.76 -1.42 2.37
C VAL A 227 1.45 -2.90 2.43
N ALA A 228 0.39 -3.32 1.72
CA ALA A 228 0.14 -4.75 1.54
C ALA A 228 1.32 -5.52 0.93
N ALA A 229 2.04 -4.88 0.01
CA ALA A 229 3.24 -5.47 -0.55
C ALA A 229 4.36 -5.63 0.49
N GLU A 230 4.46 -4.68 1.41
CA GLU A 230 5.43 -4.84 2.50
C GLU A 230 5.08 -6.07 3.29
N GLU A 231 3.83 -6.18 3.67
CA GLU A 231 3.38 -7.24 4.55
C GLU A 231 3.55 -8.60 3.89
N ILE A 232 3.16 -8.70 2.62
CA ILE A 232 3.27 -9.95 1.89
C ILE A 232 4.74 -10.34 1.60
N TYR A 233 5.49 -9.47 0.91
CA TYR A 233 6.82 -9.86 0.40
C TYR A 233 7.88 -9.92 1.50
N VAL A 234 7.84 -9.02 2.47
CA VAL A 234 8.77 -9.11 3.62
C VAL A 234 8.61 -10.44 4.34
N THR A 235 7.37 -10.88 4.48
CA THR A 235 7.07 -12.12 5.18
C THR A 235 7.50 -13.33 4.34
N LEU A 236 7.03 -13.36 3.09
CA LEU A 236 7.25 -14.52 2.24
C LEU A 236 8.72 -14.65 1.79
N CYS A 237 9.42 -13.55 1.61
CA CYS A 237 10.82 -13.63 1.18
C CYS A 237 11.79 -13.85 2.34
N SER A 238 11.29 -14.00 3.54
CA SER A 238 12.15 -14.27 4.73
C SER A 238 11.81 -15.61 5.37
N GLY A 239 10.74 -16.25 4.89
CA GLY A 239 10.33 -17.56 5.41
C GLY A 239 9.37 -17.55 6.56
N ALA A 240 8.85 -16.37 6.90
CA ALA A 240 7.87 -16.24 7.96
C ALA A 240 6.52 -16.72 7.42
N THR A 241 5.51 -16.73 8.28
CA THR A 241 4.14 -17.07 7.91
C THR A 241 3.30 -15.84 7.79
N LEU A 242 2.69 -15.64 6.62
CA LEU A 242 1.73 -14.63 6.38
C LEU A 242 0.32 -15.09 6.82
N ILE A 243 -0.29 -14.32 7.71
CA ILE A 243 -1.60 -14.62 8.24
C ILE A 243 -2.58 -13.61 7.72
N LEU A 244 -3.54 -14.06 6.93
CA LEU A 244 -4.51 -13.19 6.30
C LEU A 244 -5.63 -12.87 7.25
N ARG A 245 -5.89 -11.59 7.44
CA ARG A 245 -6.95 -11.15 8.34
C ARG A 245 -8.34 -11.36 7.72
N THR A 246 -9.37 -11.32 8.58
CA THR A 246 -10.79 -11.25 8.16
C THR A 246 -11.34 -9.80 8.23
N GLU A 247 -12.48 -9.57 7.58
CA GLU A 247 -13.22 -8.30 7.74
C GLU A 247 -13.73 -8.13 9.15
N GLU A 248 -14.16 -9.22 9.77
CA GLU A 248 -14.76 -9.13 11.10
C GLU A 248 -13.76 -8.76 12.20
N MET A 249 -12.52 -9.21 12.07
CA MET A 249 -11.58 -9.05 13.17
C MET A 249 -11.19 -7.60 13.43
N ILE A 250 -11.34 -6.69 12.46
CA ILE A 250 -10.99 -5.30 12.73
C ILE A 250 -12.11 -4.37 13.23
N SER A 251 -13.36 -4.80 13.11
CA SER A 251 -14.52 -4.02 13.61
C SER A 251 -14.40 -3.64 15.10
N SER A 252 -13.77 -4.49 15.91
CA SER A 252 -13.48 -4.09 17.27
C SER A 252 -12.04 -4.43 17.67
N ILE A 253 -11.47 -3.52 18.44
CA ILE A 253 -10.12 -3.68 18.97
C ILE A 253 -9.99 -4.97 19.81
N PRO A 254 -10.93 -5.22 20.76
CA PRO A 254 -10.88 -6.49 21.51
C PRO A 254 -10.85 -7.71 20.61
N SER A 255 -11.65 -7.72 19.54
CA SER A 255 -11.66 -8.82 18.56
CA SER A 255 -11.65 -8.84 18.60
C SER A 255 -10.32 -8.90 17.86
N PHE A 256 -9.86 -7.77 17.34
CA PHE A 256 -8.55 -7.69 16.67
C PHE A 256 -7.43 -8.25 17.57
N VAL A 257 -7.34 -7.74 18.80
CA VAL A 257 -6.34 -8.22 19.75
C VAL A 257 -6.48 -9.70 20.07
N GLN A 258 -7.70 -10.17 20.36
CA GLN A 258 -7.88 -11.57 20.75
C GLN A 258 -7.58 -12.49 19.57
N LYS A 259 -8.02 -12.13 18.37
CA LYS A 259 -7.72 -12.99 17.21
C LYS A 259 -6.20 -13.02 16.99
N SER A 260 -5.53 -11.88 17.18
CA SER A 260 -4.07 -11.85 17.02
C SER A 260 -3.42 -12.77 18.06
N GLN A 261 -3.99 -12.81 19.26
CA GLN A 261 -3.52 -13.72 20.31
C GLN A 261 -3.77 -15.17 19.93
N ASP A 262 -4.94 -15.45 19.36
CA ASP A 262 -5.25 -16.83 18.89
C ASP A 262 -4.25 -17.28 17.83
N TRP A 263 -4.07 -16.44 16.81
CA TRP A 263 -3.11 -16.67 15.72
C TRP A 263 -1.63 -16.66 16.15
N GLN A 264 -1.35 -16.22 17.37
CA GLN A 264 0.01 -16.05 17.83
C GLN A 264 0.85 -15.13 16.89
N ILE A 265 0.28 -13.98 16.57
CA ILE A 265 0.89 -13.00 15.68
C ILE A 265 2.11 -12.38 16.34
N THR A 266 3.20 -12.31 15.58
CA THR A 266 4.45 -11.67 16.07
C THR A 266 4.67 -10.25 15.52
N VAL A 267 4.12 -9.96 14.32
CA VAL A 267 4.28 -8.68 13.66
C VAL A 267 2.94 -8.14 13.23
N TRP A 268 2.64 -6.93 13.69
CA TRP A 268 1.51 -6.18 13.22
C TRP A 268 2.00 -5.07 12.34
N SER A 269 1.30 -4.85 11.23
CA SER A 269 1.52 -3.72 10.37
C SER A 269 0.19 -2.96 10.29
N LEU A 270 0.14 -1.77 10.88
CA LEU A 270 -1.12 -1.08 11.13
C LEU A 270 -1.11 0.28 10.55
N PRO A 271 -2.21 0.65 9.89
CA PRO A 271 -2.35 2.04 9.53
C PRO A 271 -2.28 2.88 10.84
N THR A 272 -1.65 4.04 10.81
CA THR A 272 -1.51 4.88 12.01
C THR A 272 -2.87 5.19 12.67
N ALA A 273 -3.88 5.50 11.87
CA ALA A 273 -5.20 5.83 12.40
C ALA A 273 -5.80 4.64 13.13
N TYR A 274 -5.50 3.43 12.67
CA TYR A 274 -5.98 2.25 13.36
C TYR A 274 -5.16 2.04 14.64
N TRP A 275 -3.85 2.24 14.57
CA TRP A 275 -3.03 2.17 15.82
C TRP A 275 -3.55 3.21 16.84
N HIS A 276 -3.91 4.40 16.39
CA HIS A 276 -4.50 5.41 17.29
C HIS A 276 -5.72 4.84 18.03
N LEU A 277 -6.61 4.21 17.29
CA LEU A 277 -7.76 3.51 17.87
C LEU A 277 -7.35 2.48 18.88
N LEU A 278 -6.34 1.69 18.52
CA LEU A 278 -5.87 0.62 19.38
C LEU A 278 -5.37 1.15 20.72
N VAL A 279 -4.50 2.16 20.68
CA VAL A 279 -3.94 2.75 21.91
C VAL A 279 -5.06 3.28 22.85
N ASN A 280 -5.99 4.06 22.31
CA ASN A 280 -7.12 4.57 23.12
C ASN A 280 -7.89 3.44 23.79
N GLU A 281 -8.13 2.35 23.07
CA GLU A 281 -8.88 1.23 23.62
C GLU A 281 -8.06 0.42 24.62
N LEU A 282 -6.75 0.26 24.36
CA LEU A 282 -5.85 -0.40 25.33
C LEU A 282 -6.00 0.19 26.72
N VAL A 283 -5.89 1.51 26.82
CA VAL A 283 -5.93 2.19 28.11
C VAL A 283 -7.33 2.25 28.73
N LYS A 284 -8.34 2.54 27.90
CA LYS A 284 -9.73 2.56 28.32
C LYS A 284 -10.13 1.20 28.91
N SER A 285 -9.58 0.10 28.37
CA SER A 285 -9.83 -1.23 28.90
C SER A 285 -8.59 -1.74 29.64
N LYS A 286 -8.54 -3.03 29.90
CA LYS A 286 -7.35 -3.66 30.48
C LYS A 286 -6.88 -4.72 29.49
N ILE A 287 -6.94 -4.39 28.20
CA ILE A 287 -6.65 -5.39 27.20
C ILE A 287 -5.16 -5.56 27.20
N ALA A 288 -4.73 -6.80 27.32
CA ALA A 288 -3.33 -7.19 27.17
C ALA A 288 -3.05 -7.43 25.67
N LEU A 289 -1.90 -6.95 25.22
CA LEU A 289 -1.43 -7.24 23.88
C LEU A 289 -1.15 -8.72 23.79
N PRO A 290 -1.24 -9.27 22.57
CA PRO A 290 -0.86 -10.66 22.44
C PRO A 290 0.55 -10.90 22.97
N ASP A 291 0.75 -12.06 23.57
CA ASP A 291 2.02 -12.35 24.20
C ASP A 291 3.06 -12.68 23.13
N SER A 292 2.60 -13.03 21.94
CA SER A 292 3.49 -13.37 20.83
C SER A 292 3.97 -12.14 20.08
N LEU A 293 3.29 -11.01 20.26
CA LEU A 293 3.59 -9.84 19.49
C LEU A 293 4.90 -9.15 19.87
N ARG A 294 5.83 -9.01 18.90
CA ARG A 294 7.18 -8.46 19.18
C ARG A 294 7.43 -7.16 18.46
N LEU A 295 6.61 -6.81 17.46
CA LEU A 295 6.85 -5.63 16.64
C LEU A 295 5.54 -5.11 16.06
N VAL A 296 5.39 -3.80 16.16
CA VAL A 296 4.27 -3.09 15.60
C VAL A 296 4.83 -2.01 14.69
N ILE A 297 4.51 -2.10 13.40
CA ILE A 297 4.98 -1.16 12.41
C ILE A 297 3.81 -0.28 12.04
N ILE A 298 3.94 1.05 12.18
CA ILE A 298 2.86 1.94 11.82
C ILE A 298 3.30 2.88 10.77
N GLY A 299 2.34 3.40 10.02
CA GLY A 299 2.60 4.50 9.09
C GLY A 299 1.37 4.90 8.34
N GLY A 300 1.46 5.94 7.53
CA GLY A 300 0.35 6.33 6.68
C GLY A 300 -0.10 7.74 6.95
N GLU A 301 0.06 8.17 8.20
CA GLU A 301 -0.17 9.55 8.56
C GLU A 301 0.57 9.95 9.85
N ARG A 302 0.45 11.22 10.21
CA ARG A 302 1.14 11.77 11.37
C ARG A 302 0.74 11.04 12.64
N VAL A 303 1.71 10.49 13.35
CA VAL A 303 1.41 9.87 14.62
C VAL A 303 1.21 10.97 15.68
N GLN A 304 0.30 10.70 16.63
CA GLN A 304 -0.05 11.68 17.68
C GLN A 304 0.89 11.46 18.85
N PRO A 305 1.69 12.48 19.19
CA PRO A 305 2.68 12.28 20.28
C PRO A 305 2.06 11.84 21.60
N GLU A 306 0.85 12.32 21.85
CA GLU A 306 0.08 12.00 23.06
C GLU A 306 -0.17 10.51 23.12
N LEU A 307 -0.54 9.94 21.99
CA LEU A 307 -0.83 8.51 21.97
C LEU A 307 0.46 7.71 22.01
N VAL A 308 1.53 8.26 21.46
CA VAL A 308 2.84 7.62 21.62
C VAL A 308 3.21 7.60 23.11
N ARG A 309 2.99 8.72 23.79
CA ARG A 309 3.29 8.79 25.24
C ARG A 309 2.38 7.84 26.00
N MET A 310 1.11 7.83 25.63
CA MET A 310 0.16 6.92 26.24
C MET A 310 0.59 5.46 25.98
N TRP A 311 1.13 5.17 24.80
CA TRP A 311 1.60 3.79 24.47
C TRP A 311 2.75 3.42 25.38
N PHE A 312 3.76 4.28 25.47
CA PHE A 312 4.93 3.95 26.31
C PHE A 312 4.65 3.84 27.80
N LYS A 313 3.71 4.66 28.30
CA LYS A 313 3.27 4.57 29.68
C LYS A 313 2.59 3.23 29.94
N ASN A 314 1.66 2.82 29.08
CA ASN A 314 0.84 1.65 29.35
C ASN A 314 1.39 0.36 28.81
N VAL A 315 2.23 0.42 27.79
CA VAL A 315 2.78 -0.80 27.20
C VAL A 315 4.25 -0.97 27.51
N GLY A 316 5.00 0.10 27.37
CA GLY A 316 6.44 0.04 27.55
C GLY A 316 7.11 -0.17 26.21
N ASN A 317 8.30 -0.76 26.26
CA ASN A 317 9.17 -0.82 25.11
C ASN A 317 9.04 -2.13 24.34
N PHE A 318 8.24 -3.06 24.82
CA PHE A 318 8.00 -4.29 24.10
C PHE A 318 6.50 -4.51 24.07
N PRO A 319 5.92 -4.73 22.89
CA PRO A 319 6.59 -4.89 21.62
C PRO A 319 7.23 -3.59 21.10
N GLU A 320 8.21 -3.76 20.24
CA GLU A 320 8.85 -2.68 19.56
C GLU A 320 7.85 -1.93 18.67
N LEU A 321 7.99 -0.62 18.60
CA LEU A 321 7.12 0.25 17.82
C LEU A 321 7.94 1.04 16.83
N ILE A 322 7.63 0.87 15.54
CA ILE A 322 8.33 1.60 14.50
C ILE A 322 7.36 2.43 13.66
N ASN A 323 7.72 3.68 13.44
CA ASN A 323 7.01 4.59 12.57
C ASN A 323 7.72 4.59 11.24
N VAL A 324 6.96 4.27 10.19
CA VAL A 324 7.52 4.06 8.87
C VAL A 324 6.88 5.06 7.90
N TYR A 325 7.71 5.76 7.14
CA TYR A 325 7.23 6.76 6.18
C TYR A 325 7.62 6.52 4.71
N GLY A 326 6.67 6.81 3.81
CA GLY A 326 7.02 7.06 2.41
C GLY A 326 5.81 7.06 1.51
N PRO A 327 5.93 7.62 0.32
CA PRO A 327 4.83 7.56 -0.63
C PRO A 327 4.91 6.38 -1.55
N THR A 328 3.81 6.13 -2.24
CA THR A 328 3.70 5.00 -3.15
C THR A 328 4.78 5.12 -4.18
N GLU A 329 5.05 6.37 -4.59
CA GLU A 329 6.05 6.66 -5.60
C GLU A 329 7.50 6.36 -5.16
N GLY A 330 7.73 6.06 -3.88
CA GLY A 330 9.06 5.68 -3.37
C GLY A 330 9.07 4.25 -2.89
N THR A 331 8.23 3.42 -3.51
CA THR A 331 8.12 2.01 -3.20
C THR A 331 7.91 1.74 -1.70
N ILE A 332 6.75 2.17 -1.22
CA ILE A 332 6.18 1.78 0.06
C ILE A 332 6.73 2.65 1.19
N ALA A 333 8.02 2.56 1.48
CA ALA A 333 8.57 3.39 2.54
C ALA A 333 10.01 3.68 2.23
N VAL A 334 10.46 4.81 2.75
CA VAL A 334 11.83 5.23 2.57
C VAL A 334 12.48 5.59 3.90
N SER A 335 11.71 5.80 4.96
CA SER A 335 12.34 6.13 6.24
CA SER A 335 12.27 6.24 6.26
C SER A 335 11.58 5.49 7.37
N LEU A 336 12.30 5.30 8.47
CA LEU A 336 11.73 4.72 9.63
C LEU A 336 12.39 5.26 10.93
N CYS A 337 11.64 5.18 12.00
CA CYS A 337 12.09 5.61 13.33
C CYS A 337 11.59 4.59 14.33
N ARG A 338 12.52 4.02 15.09
CA ARG A 338 12.16 3.08 16.14
C ARG A 338 11.75 3.90 17.31
N LEU A 339 10.44 4.03 17.47
CA LEU A 339 9.89 4.84 18.53
C LEU A 339 10.26 4.31 19.90
N SER A 340 10.37 3.01 20.04
CA SER A 340 10.73 2.41 21.32
CA SER A 340 10.75 2.39 21.32
C SER A 340 12.20 2.69 21.72
N GLN A 341 12.99 3.24 20.81
CA GLN A 341 14.40 3.56 21.09
C GLN A 341 14.61 5.07 21.31
N LEU A 342 13.53 5.84 21.20
CA LEU A 342 13.60 7.26 21.51
C LEU A 342 13.74 7.51 23.02
N THR A 343 14.52 8.51 23.36
CA THR A 343 14.60 8.94 24.75
C THR A 343 13.29 9.61 25.13
N GLU A 344 13.07 9.72 26.44
CA GLU A 344 11.98 10.51 26.98
C GLU A 344 11.88 11.87 26.28
N SER A 345 13.01 12.56 26.23
CA SER A 345 13.05 13.87 25.63
C SER A 345 12.64 13.91 24.14
N GLN A 346 13.12 12.94 23.36
CA GLN A 346 12.76 12.89 21.93
C GLN A 346 11.27 12.64 21.68
N ARG A 347 10.61 12.01 22.67
CA ARG A 347 9.18 11.69 22.65
C ARG A 347 8.31 12.71 23.36
N ASN A 348 8.93 13.55 24.20
CA ASN A 348 8.25 14.68 24.81
C ASN A 348 8.22 15.87 23.86
N ARG A 349 8.62 15.68 22.61
CA ARG A 349 8.53 16.75 21.64
C ARG A 349 7.10 16.79 21.06
N THR A 350 6.83 17.80 20.25
CA THR A 350 5.48 18.01 19.70
C THR A 350 5.26 17.29 18.37
N GLU A 351 6.33 16.83 17.72
CA GLU A 351 6.24 15.92 16.57
C GLU A 351 7.09 14.67 16.86
N ILE A 352 6.56 13.50 16.51
CA ILE A 352 7.30 12.24 16.58
C ILE A 352 8.04 12.06 15.24
N PRO A 353 9.34 11.81 15.27
CA PRO A 353 10.05 11.69 14.01
C PRO A 353 9.57 10.57 13.09
N ILE A 354 9.78 10.74 11.81
CA ILE A 354 9.71 9.64 10.84
C ILE A 354 11.07 9.04 10.55
N GLY A 355 12.10 9.62 11.16
CA GLY A 355 13.44 9.03 11.18
C GLY A 355 14.40 9.20 10.02
N LYS A 356 15.01 8.08 9.65
CA LYS A 356 16.13 8.05 8.72
C LYS A 356 15.86 7.06 7.60
N SER A 357 16.55 7.27 6.48
CA SER A 357 16.48 6.41 5.31
C SER A 357 16.57 4.94 5.66
N LEU A 358 15.70 4.18 5.02
CA LEU A 358 15.72 2.73 5.12
C LEU A 358 17.04 2.10 4.72
N GLY A 359 17.82 2.75 3.87
CA GLY A 359 19.11 2.19 3.50
C GLY A 359 19.91 3.15 2.69
N GLU A 360 21.16 2.77 2.42
CA GLU A 360 22.13 3.69 1.82
C GLU A 360 21.77 4.13 0.39
N ASN A 361 21.15 3.23 -0.37
CA ASN A 361 20.82 3.52 -1.78
C ASN A 361 19.49 4.26 -1.93
N ILE A 362 18.92 4.66 -0.80
CA ILE A 362 17.75 5.50 -0.77
C ILE A 362 18.11 6.85 -0.13
N SER A 363 17.83 7.94 -0.84
CA SER A 363 18.08 9.25 -0.32
C SER A 363 16.77 9.91 -0.02
N VAL A 364 16.69 10.45 1.20
CA VAL A 364 15.56 11.21 1.64
C VAL A 364 16.06 12.61 1.97
N TYR A 365 15.76 13.57 1.09
CA TYR A 365 16.28 14.94 1.21
C TYR A 365 15.26 15.93 1.69
N VAL A 366 15.73 16.94 2.40
CA VAL A 366 14.94 18.15 2.62
C VAL A 366 15.60 19.24 1.79
N LEU A 367 14.87 19.78 0.82
CA LEU A 367 15.45 20.69 -0.15
C LEU A 367 14.66 21.98 -0.21
N ASP A 368 15.35 23.05 -0.60
CA ASP A 368 14.72 24.35 -0.83
C ASP A 368 14.09 24.34 -2.23
N GLU A 369 13.60 25.50 -2.67
CA GLU A 369 12.92 25.59 -3.97
C GLU A 369 13.87 25.40 -5.17
N THR A 370 15.17 25.57 -4.97
CA THR A 370 16.15 25.30 -6.02
C THR A 370 16.80 23.91 -5.86
N LEU A 371 16.17 23.05 -5.05
CA LEU A 371 16.65 21.69 -4.84
C LEU A 371 18.04 21.64 -4.21
N LYS A 372 18.37 22.64 -3.39
CA LYS A 372 19.58 22.55 -2.60
C LYS A 372 19.22 22.10 -1.19
N THR A 373 20.12 21.33 -0.59
CA THR A 373 19.97 20.95 0.81
C THR A 373 20.07 22.20 1.70
N VAL A 374 19.48 22.10 2.88
CA VAL A 374 19.40 23.21 3.82
C VAL A 374 20.11 22.85 5.13
N PRO A 375 20.52 23.85 5.90
CA PRO A 375 21.14 23.48 7.18
C PRO A 375 20.16 22.71 8.07
N PRO A 376 20.69 21.86 8.97
CA PRO A 376 19.82 21.14 9.90
C PRO A 376 18.81 22.05 10.59
N GLU A 377 17.62 21.51 10.81
CA GLU A 377 16.50 22.19 11.48
C GLU A 377 15.78 23.22 10.60
N THR A 378 16.29 23.47 9.40
CA THR A 378 15.62 24.31 8.45
C THR A 378 14.57 23.46 7.71
N PRO A 379 13.29 23.88 7.74
CA PRO A 379 12.27 23.14 7.04
C PRO A 379 12.38 23.33 5.54
N GLY A 380 11.85 22.37 4.80
CA GLY A 380 11.91 22.37 3.34
C GLY A 380 10.96 21.30 2.86
N GLU A 381 11.03 20.96 1.60
CA GLU A 381 10.18 19.89 1.07
C GLU A 381 10.99 18.59 0.98
N ILE A 382 10.34 17.46 1.30
CA ILE A 382 11.00 16.16 1.21
C ILE A 382 10.99 15.68 -0.23
N TYR A 383 12.17 15.32 -0.72
CA TYR A 383 12.36 14.76 -2.04
C TYR A 383 13.08 13.43 -1.83
N ILE A 384 12.73 12.45 -2.66
CA ILE A 384 13.32 11.13 -2.58
C ILE A 384 14.17 10.84 -3.77
N GLY A 385 15.32 10.26 -3.50
CA GLY A 385 16.24 9.84 -4.54
C GLY A 385 16.64 8.40 -4.45
N GLY A 386 17.21 7.90 -5.54
CA GLY A 386 17.82 6.58 -5.55
C GLY A 386 16.91 5.40 -5.85
N THR A 387 17.25 4.25 -5.25
CA THR A 387 16.66 2.98 -5.67
C THR A 387 15.16 2.85 -5.42
N ALA A 388 14.65 3.66 -4.50
CA ALA A 388 13.25 3.66 -4.12
C ALA A 388 12.28 4.14 -5.20
N LEU A 389 12.76 4.84 -6.20
CA LEU A 389 11.83 5.53 -7.11
C LEU A 389 11.02 4.60 -7.99
N ALA A 390 9.75 4.88 -8.08
CA ALA A 390 8.88 4.42 -9.15
C ALA A 390 9.47 4.81 -10.48
N ARG A 391 9.12 4.03 -11.50
CA ARG A 391 9.44 4.42 -12.88
C ARG A 391 8.74 5.71 -13.25
N GLY A 392 7.50 5.86 -12.78
CA GLY A 392 6.72 7.05 -13.03
C GLY A 392 5.23 6.77 -12.95
N TYR A 393 4.43 7.68 -13.49
CA TYR A 393 3.00 7.50 -13.55
C TYR A 393 2.60 6.91 -14.89
N LEU A 394 1.69 5.97 -14.86
CA LEU A 394 1.26 5.29 -16.08
C LEU A 394 0.45 6.24 -16.96
N ASN A 395 0.90 6.47 -18.19
CA ASN A 395 0.16 7.36 -19.15
C ASN A 395 -0.14 8.75 -18.62
N ARG A 396 0.78 9.33 -17.84
CA ARG A 396 0.65 10.70 -17.41
C ARG A 396 2.02 11.40 -17.57
N PRO A 397 2.44 11.63 -18.82
CA PRO A 397 3.79 12.20 -19.04
C PRO A 397 4.00 13.56 -18.38
N GLU A 398 2.98 14.42 -18.36
CA GLU A 398 3.06 15.77 -17.75
C GLU A 398 3.24 15.67 -16.24
N LEU A 399 2.37 14.90 -15.60
CA LEU A 399 2.47 14.69 -14.16
C LEU A 399 3.78 13.99 -13.82
N THR A 400 4.19 13.01 -14.60
CA THR A 400 5.47 12.31 -14.35
C THR A 400 6.65 13.30 -14.43
N ALA A 401 6.66 14.20 -15.41
CA ALA A 401 7.74 15.17 -15.56
C ALA A 401 7.74 16.23 -14.46
N GLN A 402 6.56 16.55 -14.00
CA GLN A 402 6.40 17.44 -12.90
C GLN A 402 6.91 16.87 -11.55
N LYS A 403 6.70 15.57 -11.33
CA LYS A 403 6.95 14.95 -10.01
C LYS A 403 8.25 14.18 -9.94
N PHE A 404 8.66 13.59 -11.05
CA PHE A 404 9.92 12.87 -11.10
C PHE A 404 10.94 13.68 -11.92
N ILE A 405 11.77 14.41 -11.21
CA ILE A 405 12.59 15.51 -11.74
C ILE A 405 13.99 15.01 -11.88
N GLN A 406 14.67 15.34 -12.97
CA GLN A 406 16.08 15.03 -13.11
C GLN A 406 16.91 15.83 -12.08
N ASP A 407 17.84 15.17 -11.39
CA ASP A 407 18.52 15.84 -10.30
C ASP A 407 19.55 16.82 -10.89
N PRO A 408 19.33 18.15 -10.71
CA PRO A 408 20.27 19.09 -11.35
C PRO A 408 21.70 18.92 -10.82
N PHE A 409 21.84 18.54 -9.56
CA PHE A 409 23.16 18.29 -8.97
C PHE A 409 23.67 16.86 -9.13
N SER A 410 22.88 15.99 -9.76
CA SER A 410 23.33 14.63 -10.11
C SER A 410 22.58 14.08 -11.34
N PRO A 411 23.00 14.52 -12.54
CA PRO A 411 22.13 14.39 -13.73
C PRO A 411 21.81 12.97 -14.18
N SER A 412 22.62 12.00 -13.77
CA SER A 412 22.32 10.59 -14.03
C SER A 412 21.11 10.09 -13.20
N GLU A 413 20.63 10.89 -12.25
CA GLU A 413 19.59 10.45 -11.29
C GLU A 413 18.33 11.31 -11.26
N ARG A 414 17.27 10.79 -10.64
CA ARG A 414 16.03 11.52 -10.47
C ARG A 414 15.72 11.75 -9.00
N LEU A 415 14.87 12.74 -8.74
CA LEU A 415 14.29 12.98 -7.45
C LEU A 415 12.79 12.93 -7.61
N TYR A 416 12.10 12.35 -6.65
CA TYR A 416 10.64 12.49 -6.56
C TYR A 416 10.23 13.53 -5.54
N LYS A 417 9.38 14.46 -5.98
CA LYS A 417 8.86 15.54 -5.16
C LYS A 417 7.66 15.01 -4.44
N THR A 418 7.77 14.92 -3.12
CA THR A 418 6.79 14.22 -2.34
C THR A 418 5.54 15.03 -2.05
N GLY A 419 5.68 16.35 -2.00
CA GLY A 419 4.63 17.23 -1.52
C GLY A 419 4.55 17.24 -0.01
N ASP A 420 5.50 16.59 0.66
CA ASP A 420 5.54 16.54 2.14
C ASP A 420 6.60 17.56 2.60
N LEU A 421 6.30 18.28 3.67
CA LEU A 421 7.23 19.23 4.24
C LEU A 421 7.93 18.51 5.34
N GLY A 422 9.18 18.85 5.57
CA GLY A 422 9.87 18.24 6.68
C GLY A 422 11.12 18.97 7.02
N ARG A 423 11.78 18.49 8.07
CA ARG A 423 13.08 18.99 8.43
C ARG A 423 13.88 17.96 9.15
N TYR A 424 15.17 17.95 8.88
CA TYR A 424 16.09 17.13 9.65
C TYR A 424 16.48 17.81 10.97
N LEU A 425 16.33 17.09 12.07
CA LEU A 425 16.81 17.56 13.37
C LEU A 425 18.33 17.42 13.48
N ALA A 426 18.89 18.05 14.51
CA ALA A 426 20.32 18.00 14.74
C ALA A 426 20.77 16.55 14.90
N ASP A 427 19.95 15.75 15.58
CA ASP A 427 20.25 14.31 15.78
C ASP A 427 20.12 13.44 14.51
N GLY A 428 19.77 14.04 13.38
CA GLY A 428 19.64 13.30 12.10
C GLY A 428 18.25 12.73 11.81
N ASN A 429 17.34 12.83 12.77
CA ASN A 429 16.00 12.35 12.52
C ASN A 429 15.19 13.35 11.69
N LEU A 430 14.45 12.81 10.73
CA LEU A 430 13.50 13.56 9.95
C LEU A 430 12.18 13.72 10.71
N GLU A 431 11.64 14.93 10.60
CA GLU A 431 10.36 15.25 11.14
C GLU A 431 9.45 15.54 9.95
N TYR A 432 8.22 15.03 9.98
CA TYR A 432 7.21 15.34 8.96
C TYR A 432 6.46 16.59 9.40
N LEU A 433 6.35 17.59 8.53
CA LEU A 433 5.73 18.87 8.91
C LEU A 433 4.40 19.18 8.20
N GLY A 434 3.96 18.34 7.26
CA GLY A 434 2.66 18.53 6.63
C GLY A 434 2.78 18.61 5.14
N ARG A 435 1.69 19.00 4.48
CA ARG A 435 1.62 19.05 3.03
C ARG A 435 1.68 20.48 2.44
N VAL A 436 2.24 20.61 1.24
CA VAL A 436 2.21 21.89 0.51
C VAL A 436 0.86 22.14 -0.19
N ASP A 437 0.03 21.10 -0.24
CA ASP A 437 -1.09 21.01 -1.16
C ASP A 437 -2.32 20.45 -0.47
N HIS A 438 -3.28 19.95 -1.26
CA HIS A 438 -4.57 19.53 -0.71
C HIS A 438 -4.72 18.01 -0.87
N GLN A 439 -3.62 17.29 -0.74
CA GLN A 439 -3.68 15.86 -0.52
C GLN A 439 -3.81 15.58 0.98
N VAL A 440 -4.68 14.64 1.35
CA VAL A 440 -4.92 14.30 2.75
C VAL A 440 -5.08 12.80 2.92
N LYS A 441 -5.34 12.37 4.15
CA LYS A 441 -5.61 10.99 4.43
C LYS A 441 -6.96 10.89 5.06
N ILE A 442 -7.85 10.06 4.49
CA ILE A 442 -9.18 9.83 5.06
C ILE A 442 -9.29 8.34 5.29
N ASN A 443 -9.63 7.94 6.52
CA ASN A 443 -9.68 6.52 6.90
C ASN A 443 -8.34 5.81 6.65
N GLY A 444 -7.26 6.58 6.71
CA GLY A 444 -5.92 6.09 6.41
C GLY A 444 -5.53 6.04 4.94
N PHE A 445 -6.42 6.49 4.05
CA PHE A 445 -6.23 6.36 2.60
C PHE A 445 -5.95 7.69 1.96
N ARG A 446 -5.03 7.68 1.01
CA ARG A 446 -4.59 8.88 0.30
C ARG A 446 -5.70 9.47 -0.61
N VAL A 447 -6.04 10.72 -0.37
CA VAL A 447 -7.14 11.37 -1.09
C VAL A 447 -6.68 12.73 -1.57
N GLU A 448 -6.86 12.99 -2.87
CA GLU A 448 -6.69 14.32 -3.42
C GLU A 448 -8.05 15.01 -3.35
N LEU A 449 -8.09 16.12 -2.60
CA LEU A 449 -9.32 16.90 -2.44
C LEU A 449 -9.80 17.41 -3.78
N GLY A 450 -8.85 17.75 -4.64
CA GLY A 450 -9.10 18.10 -6.03
C GLY A 450 -9.79 17.01 -6.85
N GLU A 451 -9.61 15.73 -6.50
CA GLU A 451 -10.32 14.66 -7.20
C GLU A 451 -11.79 14.80 -6.93
N ILE A 452 -12.14 14.96 -5.67
CA ILE A 452 -13.55 15.01 -5.28
C ILE A 452 -14.19 16.28 -5.84
N GLU A 453 -13.45 17.38 -5.73
CA GLU A 453 -13.89 18.68 -6.22
C GLU A 453 -14.11 18.66 -7.72
N THR A 454 -13.16 18.09 -8.47
CA THR A 454 -13.28 17.95 -9.91
C THR A 454 -14.50 17.12 -10.29
N VAL A 455 -14.70 16.00 -9.58
CA VAL A 455 -15.83 15.11 -9.87
C VAL A 455 -17.18 15.80 -9.58
N LEU A 456 -17.26 16.54 -8.47
CA LEU A 456 -18.48 17.28 -8.12
C LEU A 456 -18.89 18.33 -9.17
N LEU A 457 -17.93 18.97 -9.84
CA LEU A 457 -18.20 19.93 -10.92
C LEU A 457 -18.90 19.29 -12.13
N GLN A 458 -18.82 17.96 -12.25
CA GLN A 458 -19.43 17.25 -13.37
C GLN A 458 -20.93 17.07 -13.18
N HIS A 459 -21.41 17.22 -11.95
CA HIS A 459 -22.84 17.14 -11.72
C HIS A 459 -23.51 18.38 -12.29
N HIS A 460 -24.65 18.17 -12.96
CA HIS A 460 -25.37 19.25 -13.65
C HIS A 460 -25.76 20.38 -12.69
N GLN A 461 -26.24 20.01 -11.50
CA GLN A 461 -26.66 21.01 -10.51
C GLN A 461 -25.60 21.32 -9.43
N VAL A 462 -24.33 21.35 -9.84
CA VAL A 462 -23.24 21.94 -9.03
C VAL A 462 -22.56 22.98 -9.90
N ALA A 463 -22.29 24.16 -9.35
CA ALA A 463 -21.78 25.29 -10.14
C ALA A 463 -20.31 25.58 -9.87
N GLN A 464 -19.98 25.69 -8.59
CA GLN A 464 -18.58 25.72 -8.11
C GLN A 464 -18.52 24.79 -6.91
N ALA A 465 -17.35 24.21 -6.64
CA ALA A 465 -17.22 23.26 -5.51
C ALA A 465 -15.82 23.22 -4.89
N VAL A 466 -15.81 23.11 -3.57
CA VAL A 466 -14.58 23.07 -2.79
C VAL A 466 -14.80 22.09 -1.64
N VAL A 467 -13.83 21.19 -1.45
CA VAL A 467 -13.91 20.13 -0.43
C VAL A 467 -12.70 20.31 0.48
N ILE A 468 -12.95 20.23 1.77
CA ILE A 468 -11.88 20.40 2.76
C ILE A 468 -11.98 19.34 3.84
N ASP A 469 -10.82 19.02 4.41
CA ASP A 469 -10.68 18.37 5.72
C ASP A 469 -10.64 19.52 6.76
N ARG A 470 -11.04 19.34 8.02
CA ARG A 470 -11.35 18.07 8.67
C ARG A 470 -12.86 17.93 8.81
N ARG A 478 -11.94 13.95 8.31
CA ARG A 478 -13.36 14.03 7.92
C ARG A 478 -13.57 15.01 6.77
N LEU A 479 -14.42 14.63 5.81
CA LEU A 479 -14.64 15.43 4.61
C LEU A 479 -15.96 16.22 4.69
N VAL A 480 -15.87 17.52 4.39
CA VAL A 480 -17.06 18.36 4.19
C VAL A 480 -16.94 19.06 2.84
N ALA A 481 -18.02 19.01 2.05
CA ALA A 481 -18.05 19.64 0.75
C ALA A 481 -18.67 21.02 0.85
N TYR A 482 -18.02 22.00 0.23
CA TYR A 482 -18.52 23.36 0.16
C TYR A 482 -18.86 23.60 -1.30
N LEU A 483 -20.14 23.86 -1.59
CA LEU A 483 -20.61 24.00 -2.97
C LEU A 483 -21.72 25.05 -3.11
N VAL A 484 -21.70 25.79 -4.22
CA VAL A 484 -22.84 26.63 -4.61
C VAL A 484 -23.58 25.95 -5.78
N PRO A 485 -24.82 25.48 -5.53
CA PRO A 485 -25.59 24.79 -6.58
C PRO A 485 -26.14 25.75 -7.63
N HIS A 486 -26.53 25.21 -8.79
CA HIS A 486 -27.27 25.99 -9.79
C HIS A 486 -28.67 26.26 -9.25
N SER A 487 -29.36 25.22 -8.81
CA SER A 487 -30.63 25.36 -8.12
C SER A 487 -30.53 24.65 -6.79
N THR A 488 -31.10 25.24 -5.75
CA THR A 488 -31.21 24.57 -4.45
C THR A 488 -32.36 23.56 -4.45
N GLU A 489 -32.01 22.28 -4.41
CA GLU A 489 -32.96 21.20 -4.17
C GLU A 489 -32.72 20.81 -2.72
N GLU A 490 -33.75 20.38 -1.99
CA GLU A 490 -33.61 20.21 -0.53
C GLU A 490 -33.25 18.81 -0.05
N ASN A 491 -33.12 17.85 -0.97
CA ASN A 491 -32.46 16.56 -0.68
C ASN A 491 -31.22 16.39 -1.58
N LEU A 492 -30.44 17.47 -1.70
CA LEU A 492 -29.25 17.51 -2.53
C LEU A 492 -28.07 16.77 -1.90
N THR A 493 -28.05 16.65 -0.57
CA THR A 493 -27.10 15.79 0.15
C THR A 493 -27.09 14.38 -0.45
N VAL A 494 -28.22 13.69 -0.34
CA VAL A 494 -28.34 12.30 -0.75
C VAL A 494 -28.15 12.16 -2.27
N THR A 495 -28.44 13.21 -3.02
CA THR A 495 -28.33 13.15 -4.49
C THR A 495 -26.88 13.21 -4.95
N LEU A 496 -26.09 14.08 -4.35
CA LEU A 496 -24.67 14.17 -4.68
C LEU A 496 -23.94 12.97 -4.09
N GLN A 497 -24.43 12.47 -2.96
CA GLN A 497 -23.90 11.25 -2.36
C GLN A 497 -24.08 10.06 -3.28
N GLN A 498 -25.32 9.78 -3.65
CA GLN A 498 -25.59 8.68 -4.60
C GLN A 498 -24.81 8.83 -5.93
N PHE A 499 -24.59 10.06 -6.37
CA PHE A 499 -23.78 10.36 -7.57
C PHE A 499 -22.30 9.99 -7.40
N LEU A 500 -21.74 10.32 -6.24
CA LEU A 500 -20.34 10.02 -5.94
C LEU A 500 -20.16 8.56 -5.58
N LYS A 501 -21.18 7.98 -4.97
CA LYS A 501 -21.18 6.57 -4.63
C LYS A 501 -20.78 5.70 -5.84
N ASN A 502 -21.26 6.04 -7.03
CA ASN A 502 -21.01 5.23 -8.25
C ASN A 502 -19.76 5.64 -9.03
N LYS A 503 -18.99 6.58 -8.47
CA LYS A 503 -17.79 7.07 -9.13
C LYS A 503 -16.54 6.89 -8.29
N LEU A 504 -16.64 7.21 -7.00
CA LEU A 504 -15.46 7.33 -6.12
C LEU A 504 -15.58 6.28 -5.05
N PRO A 505 -14.43 5.81 -4.48
CA PRO A 505 -14.48 4.95 -3.31
C PRO A 505 -15.21 5.64 -2.15
N SER A 506 -15.78 4.85 -1.27
CA SER A 506 -16.59 5.37 -0.17
C SER A 506 -15.86 6.45 0.64
N TYR A 507 -14.58 6.23 0.93
CA TYR A 507 -13.79 7.13 1.78
C TYR A 507 -13.55 8.50 1.12
N MET A 508 -13.87 8.61 -0.17
CA MET A 508 -13.82 9.92 -0.85
C MET A 508 -15.16 10.65 -0.86
N ILE A 509 -16.18 10.07 -0.22
CA ILE A 509 -17.52 10.64 -0.20
C ILE A 509 -17.70 11.45 1.09
N PRO A 510 -17.97 12.76 0.96
CA PRO A 510 -18.15 13.53 2.19
C PRO A 510 -19.34 13.08 3.02
N ALA A 511 -19.22 13.22 4.33
CA ALA A 511 -20.33 12.98 5.23
C ALA A 511 -21.35 14.10 5.05
N THR A 512 -20.87 15.35 5.00
CA THR A 512 -21.77 16.49 4.99
C THR A 512 -21.38 17.49 3.90
N PHE A 513 -22.39 18.23 3.42
CA PHE A 513 -22.24 19.24 2.36
C PHE A 513 -22.74 20.63 2.81
N VAL A 514 -22.15 21.69 2.25
CA VAL A 514 -22.52 23.08 2.55
C VAL A 514 -22.76 23.84 1.24
N VAL A 515 -23.70 24.80 1.28
CA VAL A 515 -24.06 25.59 0.11
C VAL A 515 -23.46 26.99 0.16
#